data_6ZX6
#
_entry.id   6ZX6
#
_entity_poly.entity_id   1
_entity_poly.type   'polydeoxyribonucleotide'
_entity_poly.pdbx_seq_one_letter_code
;(DC)(DG)(DG)(DG)(DC)(DG)(DC)(DG)(DG)(DG)(DA)(DG)(DG)(DA)(DA)(DG)(DG)(DG)(8OG)
(DG)(DC)(DG)(DG)(DG)(DA)
;
_entity_poly.pdbx_strand_id   A
#
loop_
_chem_comp.id
_chem_comp.type
_chem_comp.name
_chem_comp.formula
8OG DNA linking 8-OXO-2'-DEOXY-GUANOSINE-5'-MONOPHOSPHATE 'C10 H14 N5 O8 P'
DA DNA linking 2'-DEOXYADENOSINE-5'-MONOPHOSPHATE 'C10 H14 N5 O6 P'
DC DNA linking 2'-DEOXYCYTIDINE-5'-MONOPHOSPHATE 'C9 H14 N3 O7 P'
DG DNA linking 2'-DEOXYGUANOSINE-5'-MONOPHOSPHATE 'C10 H14 N5 O7 P'
#
# COMPACT_ATOMS: atom_id res chain seq x y z
P 8OG A 19 3.71 -2.88 -0.04
OP1 8OG A 19 4.38 -3.50 -1.20
OP2 8OG A 19 4.55 -2.44 1.11
O5' 8OG A 19 2.85 -1.60 -0.54
C5' 8OG A 19 2.35 -1.54 -1.88
C4' 8OG A 19 1.32 -0.45 -2.17
O4' 8OG A 19 0.04 -0.84 -1.68
C3' 8OG A 19 1.56 0.95 -1.55
O3' 8OG A 19 2.48 1.75 -2.29
C2' 8OG A 19 0.13 1.50 -1.63
C1' 8OG A 19 -0.80 0.29 -1.78
N9 8OG A 19 -1.90 0.33 -0.78
C8 8OG A 19 -3.23 0.61 -1.02
N7 8OG A 19 -3.97 0.73 0.03
C5 8OG A 19 -3.06 0.60 1.08
C6 8OG A 19 -3.26 0.70 2.50
O6 8OG A 19 -4.30 0.92 3.12
N1 8OG A 19 -2.10 0.55 3.23
C2 8OG A 19 -0.89 0.29 2.66
N2 8OG A 19 0.13 0.17 3.47
N3 8OG A 19 -0.67 0.17 1.35
C4 8OG A 19 -1.79 0.34 0.60
O8 8OG A 19 -3.70 0.75 -2.14
H5' 8OG A 19 3.21 -1.39 -2.55
H5'' 8OG A 19 1.90 -2.50 -2.14
H4' 8OG A 19 1.25 -0.32 -3.26
H3' 8OG A 19 1.85 0.84 -0.51
H2' 8OG A 19 -0.01 2.13 -2.51
H2'' 8OG A 19 -0.09 2.07 -0.74
H1' 8OG A 19 -1.24 0.32 -2.78
H7 8OG A 19 -4.93 1.04 0.03
H1 8OG A 19 -2.14 0.64 4.22
H21 8OG A 19 0.00 0.32 4.47
H22 8OG A 19 1.03 -0.03 3.08
P 8OG A 19 3.61 -3.42 -0.37
OP1 8OG A 19 3.96 -4.12 -1.64
OP2 8OG A 19 4.69 -3.19 0.63
O5' 8OG A 19 2.92 -2.00 -0.73
C5' 8OG A 19 2.45 -1.69 -2.04
C4' 8OG A 19 1.64 -0.40 -2.17
O4' 8OG A 19 0.31 -0.63 -1.70
C3' 8OG A 19 2.14 0.81 -1.35
O3' 8OG A 19 3.01 1.71 -2.05
C2' 8OG A 19 0.84 1.56 -1.07
C1' 8OG A 19 -0.30 0.64 -1.52
N9 8OG A 19 -1.45 0.59 -0.58
C8 8OG A 19 -2.77 0.89 -0.87
N7 8OG A 19 -3.58 0.87 0.13
C5 8OG A 19 -2.74 0.65 1.22
C6 8OG A 19 -3.01 0.64 2.62
O6 8OG A 19 -4.08 0.80 3.20
N1 8OG A 19 -1.88 0.46 3.40
C2 8OG A 19 -0.65 0.23 2.89
N2 8OG A 19 0.34 0.13 3.73
N3 8OG A 19 -0.36 0.20 1.59
C4 8OG A 19 -1.45 0.43 0.79
O8 8OG A 19 -3.18 1.16 -2.00
H5' 8OG A 19 3.31 -1.61 -2.70
H5'' 8OG A 19 1.83 -2.52 -2.40
H4' 8OG A 19 1.59 -0.11 -3.22
H3' 8OG A 19 2.57 0.47 -0.41
H2' 8OG A 19 0.78 2.50 -1.64
H2'' 8OG A 19 0.79 1.80 -0.01
H1' 8OG A 19 -0.65 0.98 -2.50
H7 8OG A 19 -4.56 1.16 0.12
H1 8OG A 19 -1.98 0.53 4.40
H21 8OG A 19 0.18 0.30 4.72
H22 8OG A 19 1.27 -0.01 3.37
P 8OG A 19 3.61 -3.43 -0.37
OP1 8OG A 19 3.98 -4.11 -1.64
OP2 8OG A 19 4.67 -3.19 0.64
O5' 8OG A 19 2.92 -2.00 -0.73
C5' 8OG A 19 2.44 -1.70 -2.04
C4' 8OG A 19 1.62 -0.39 -2.16
O4' 8OG A 19 0.30 -0.64 -1.69
C3' 8OG A 19 2.12 0.81 -1.34
O3' 8OG A 19 2.98 1.71 -2.05
C2' 8OG A 19 0.83 1.56 -1.06
C1' 8OG A 19 -0.31 0.62 -1.52
N9 8OG A 19 -1.47 0.57 -0.58
C8 8OG A 19 -2.79 0.87 -0.86
N7 8OG A 19 -3.58 0.85 0.16
C5 8OG A 19 -2.74 0.63 1.24
C6 8OG A 19 -3.01 0.63 2.64
O6 8OG A 19 -4.08 0.79 3.22
N1 8OG A 19 -1.88 0.44 3.41
C2 8OG A 19 -0.65 0.21 2.89
N2 8OG A 19 0.35 0.10 3.73
N3 8OG A 19 -0.36 0.18 1.59
C4 8OG A 19 -1.45 0.41 0.80
O8 8OG A 19 -3.20 1.13 -1.98
H5' 8OG A 19 3.31 -1.61 -2.70
H5'' 8OG A 19 1.82 -2.52 -2.40
H4' 8OG A 19 1.58 -0.11 -3.21
H3' 8OG A 19 2.57 0.47 -0.40
H2' 8OG A 19 0.77 2.49 -1.63
H2'' 8OG A 19 0.78 1.78 0.00
H1' 8OG A 19 -0.67 0.97 -2.48
H7 8OG A 19 -4.56 1.14 0.13
H1 8OG A 19 -1.97 0.52 4.41
H21 8OG A 19 0.19 0.27 4.73
H22 8OG A 19 1.27 -0.04 3.37
P 8OG A 19 3.78 -2.73 0.04
OP1 8OG A 19 4.52 -3.32 -1.11
OP2 8OG A 19 4.57 -2.26 1.21
O5' 8OG A 19 2.88 -1.48 -0.49
C5' 8OG A 19 2.43 -1.45 -1.84
C4' 8OG A 19 1.37 -0.39 -2.18
O4' 8OG A 19 0.10 -0.84 -1.73
C3' 8OG A 19 1.53 1.01 -1.55
O3' 8OG A 19 2.48 1.83 -2.23
C2' 8OG A 19 0.08 1.51 -1.74
C1' 8OG A 19 -0.79 0.27 -1.83
N9 8OG A 19 -1.87 0.28 -0.82
C8 8OG A 19 -3.21 0.52 -1.03
N7 8OG A 19 -3.94 0.62 0.02
C5 8OG A 19 -3.02 0.51 1.07
C6 8OG A 19 -3.20 0.63 2.48
O6 8OG A 19 -4.24 0.79 3.12
N1 8OG A 19 -2.02 0.52 3.20
C2 8OG A 19 -0.81 0.29 2.61
N2 8OG A 19 0.21 0.21 3.42
N3 8OG A 19 -0.61 0.18 1.31
C4 8OG A 19 -1.75 0.30 0.56
O8 8OG A 19 -3.71 0.65 -2.15
H5' 8OG A 19 3.30 -1.26 -2.48
H5'' 8OG A 19 2.03 -2.42 -2.12
H4' 8OG A 19 1.34 -0.28 -3.26
H3' 8OG A 19 1.76 0.93 -0.49
H2' 8OG A 19 -0.02 2.07 -2.67
H2'' 8OG A 19 -0.20 2.14 -0.90
H1' 8OG A 19 -1.26 0.25 -2.82
H7 8OG A 19 -4.91 0.91 0.05
H1 8OG A 19 -2.06 0.61 4.20
H21 8OG A 19 0.09 0.38 4.42
H22 8OG A 19 1.12 0.05 3.02
P 8OG A 19 3.62 -2.88 -0.09
OP1 8OG A 19 4.25 -3.51 -1.27
OP2 8OG A 19 4.48 -2.46 1.04
O5' 8OG A 19 2.75 -1.60 -0.57
C5' 8OG A 19 2.22 -1.53 -1.90
C4' 8OG A 19 1.19 -0.43 -2.15
O4' 8OG A 19 -0.08 -0.82 -1.63
C3' 8OG A 19 1.46 0.96 -1.54
O3' 8OG A 19 2.34 1.77 -2.32
C2' 8OG A 19 0.03 1.52 -1.54
C1' 8OG A 19 -0.91 0.32 -1.71
N9 8OG A 19 -2.01 0.36 -0.72
C8 8OG A 19 -3.33 0.65 -0.96
N7 8OG A 19 -4.08 0.77 0.09
C5 8OG A 19 -3.18 0.62 1.14
C6 8OG A 19 -3.38 0.72 2.56
O6 8OG A 19 -4.42 0.94 3.17
N1 8OG A 19 -2.23 0.55 3.29
C2 8OG A 19 -1.02 0.27 2.72
N2 8OG A 19 0.00 0.13 3.53
N3 8OG A 19 -0.80 0.17 1.42
C4 8OG A 19 -1.92 0.35 0.67
O8 8OG A 19 -3.81 0.80 -2.08
H5' 8OG A 19 3.05 -1.38 -2.59
H5'' 8OG A 19 1.75 -2.49 -2.15
H4' 8OG A 19 1.09 -0.31 -3.24
H3' 8OG A 19 1.81 0.85 -0.52
H2' 8OG A 19 -0.14 2.21 -2.37
H2'' 8OG A 19 -0.15 2.04 -0.59
H1' 8OG A 19 -1.34 0.37 -2.71
H7 8OG A 19 -5.04 1.08 0.08
H1 8OG A 19 -2.27 0.64 4.28
H21 8OG A 19 -0.12 0.28 4.53
H22 8OG A 19 0.90 -0.06 3.15
P 8OG A 19 3.47 -3.70 -0.45
OP1 8OG A 19 3.79 -4.42 -1.71
OP2 8OG A 19 4.58 -3.48 0.52
O5' 8OG A 19 2.81 -2.26 -0.80
C5' 8OG A 19 2.30 -1.97 -2.11
C4' 8OG A 19 1.52 -0.65 -2.23
O4' 8OG A 19 0.20 -0.85 -1.73
C3' 8OG A 19 2.05 0.55 -1.43
O3' 8OG A 19 2.93 1.42 -2.14
C2' 8OG A 19 0.78 1.33 -1.13
C1' 8OG A 19 -0.38 0.42 -1.57
N9 8OG A 19 -1.54 0.41 -0.62
C8 8OG A 19 -2.85 0.73 -0.89
N7 8OG A 19 -3.64 0.75 0.12
C5 8OG A 19 -2.79 0.52 1.20
C6 8OG A 19 -3.05 0.53 2.62
O6 8OG A 19 -4.11 0.72 3.20
N1 8OG A 19 -1.92 0.33 3.37
C2 8OG A 19 -0.70 0.07 2.85
N2 8OG A 19 0.30 -0.05 3.69
N3 8OG A 19 -0.43 0.01 1.55
C4 8OG A 19 -1.51 0.27 0.76
O8 8OG A 19 -3.27 1.01 -2.02
H5' 8OG A 19 3.15 -1.92 -2.80
H5'' 8OG A 19 1.65 -2.78 -2.45
H4' 8OG A 19 1.46 -0.37 -3.28
H3' 8OG A 19 2.49 0.20 -0.49
H2' 8OG A 19 0.74 2.26 -1.71
H2'' 8OG A 19 0.75 1.57 -0.08
H1' 8OG A 19 -0.75 0.77 -2.54
H7 8OG A 19 -4.61 1.06 0.12
H1 8OG A 19 -2.00 0.41 4.37
H21 8OG A 19 0.15 0.13 4.68
H22 8OG A 19 1.22 -0.22 3.32
P 8OG A 19 3.61 -3.31 -0.36
OP1 8OG A 19 4.01 -3.99 -1.63
OP2 8OG A 19 4.67 -3.06 0.66
O5' 8OG A 19 2.91 -1.89 -0.72
C5' 8OG A 19 2.47 -1.58 -2.04
C4' 8OG A 19 1.64 -0.29 -2.17
O4' 8OG A 19 0.32 -0.54 -1.70
C3' 8OG A 19 2.12 0.93 -1.34
O3' 8OG A 19 2.98 1.84 -2.03
C2' 8OG A 19 0.82 1.66 -1.06
C1' 8OG A 19 -0.30 0.72 -1.52
N9 8OG A 19 -1.46 0.65 -0.59
C8 8OG A 19 -2.78 0.93 -0.87
N7 8OG A 19 -3.59 0.89 0.13
C5 8OG A 19 -2.75 0.66 1.22
C6 8OG A 19 -3.02 0.63 2.63
O6 8OG A 19 -4.10 0.76 3.20
N1 8OG A 19 -1.89 0.44 3.40
C2 8OG A 19 -0.66 0.25 2.88
N2 8OG A 19 0.34 0.15 3.72
N3 8OG A 19 -0.37 0.23 1.58
C4 8OG A 19 -1.45 0.47 0.79
O8 8OG A 19 -3.21 1.22 -1.99
H5' 8OG A 19 3.34 -1.47 -2.68
H5'' 8OG A 19 1.87 -2.40 -2.42
H4' 8OG A 19 1.60 0.01 -3.22
H3' 8OG A 19 2.56 0.58 -0.40
H2' 8OG A 19 0.76 2.59 -1.62
H2'' 8OG A 19 0.77 1.87 0.00
H1' 8OG A 19 -0.67 1.07 -2.49
H7 8OG A 19 -4.57 1.16 0.13
H1 8OG A 19 -1.99 0.50 4.40
H21 8OG A 19 0.17 0.30 4.72
H22 8OG A 19 1.27 0.03 3.36
P 8OG A 19 3.63 -3.29 -0.36
OP1 8OG A 19 4.01 -3.97 -1.63
OP2 8OG A 19 4.69 -3.05 0.65
O5' 8OG A 19 2.93 -1.86 -0.71
C5' 8OG A 19 2.47 -1.56 -2.03
C4' 8OG A 19 1.64 -0.26 -2.14
O4' 8OG A 19 0.32 -0.52 -1.67
C3' 8OG A 19 2.13 0.94 -1.32
O3' 8OG A 19 2.97 1.86 -2.01
C2' 8OG A 19 0.81 1.68 -1.03
C1' 8OG A 19 -0.31 0.74 -1.50
N9 8OG A 19 -1.47 0.68 -0.58
C8 8OG A 19 -2.78 0.96 -0.87
N7 8OG A 19 -3.60 0.92 0.14
C5 8OG A 19 -2.77 0.69 1.22
C6 8OG A 19 -3.05 0.68 2.63
O6 8OG A 19 -4.13 0.82 3.20
N1 8OG A 19 -1.93 0.48 3.41
C2 8OG A 19 -0.69 0.28 2.90
N2 8OG A 19 0.30 0.17 3.75
N3 8OG A 19 -0.39 0.26 1.61
C4 8OG A 19 -1.47 0.49 0.80
O8 8OG A 19 -3.20 1.23 -2.00
H5' 8OG A 19 3.34 -1.46 -2.68
H5'' 8OG A 19 1.87 -2.38 -2.41
H4' 8OG A 19 1.59 0.02 -3.20
H3' 8OG A 19 2.56 0.59 -0.38
H2' 8OG A 19 0.75 2.61 -1.59
H2'' 8OG A 19 0.77 1.88 0.03
H1' 8OG A 19 -0.66 1.09 -2.47
H7 8OG A 19 -4.58 1.20 0.11
H1 8OG A 19 -2.03 0.54 4.41
H21 8OG A 19 0.12 0.32 4.75
H22 8OG A 19 1.23 0.03 3.40
P 8OG A 19 3.47 -3.69 -0.46
OP1 8OG A 19 3.78 -4.41 -1.73
OP2 8OG A 19 4.57 -3.49 0.52
O5' 8OG A 19 2.83 -2.25 -0.81
C5' 8OG A 19 2.34 -1.94 -2.11
C4' 8OG A 19 1.55 -0.61 -2.22
O4' 8OG A 19 0.23 -0.82 -1.74
C3' 8OG A 19 2.09 0.58 -1.40
O3' 8OG A 19 2.97 1.45 -2.09
C2' 8OG A 19 0.81 1.35 -1.11
C1' 8OG A 19 -0.35 0.45 -1.56
N9 8OG A 19 -1.51 0.45 -0.63
C8 8OG A 19 -2.82 0.78 -0.91
N7 8OG A 19 -3.63 0.78 0.09
C5 8OG A 19 -2.79 0.53 1.19
C6 8OG A 19 -3.07 0.54 2.59
O6 8OG A 19 -4.14 0.73 3.16
N1 8OG A 19 -1.94 0.33 3.36
C2 8OG A 19 -0.72 0.07 2.85
N2 8OG A 19 0.26 -0.05 3.69
N3 8OG A 19 -0.43 0.02 1.55
C4 8OG A 19 -1.50 0.29 0.75
O8 8OG A 19 -3.22 1.05 -2.04
H5' 8OG A 19 3.19 -1.88 -2.80
H5'' 8OG A 19 1.69 -2.75 -2.46
H4' 8OG A 19 1.50 -0.32 -3.27
H3' 8OG A 19 2.53 0.22 -0.46
H2' 8OG A 19 0.78 2.29 -1.67
H2'' 8OG A 19 0.78 1.58 -0.05
H1' 8OG A 19 -0.70 0.82 -2.53
H7 8OG A 19 -4.60 1.09 0.07
H1 8OG A 19 -2.04 0.41 4.36
H21 8OG A 19 0.10 0.11 4.69
H22 8OG A 19 1.19 -0.23 3.34
P 8OG A 19 3.75 -2.69 0.03
OP1 8OG A 19 4.47 -3.28 -1.12
OP2 8OG A 19 4.55 -2.22 1.19
O5' 8OG A 19 2.85 -1.44 -0.50
C5' 8OG A 19 2.38 -1.40 -1.84
C4' 8OG A 19 1.31 -0.34 -2.15
O4' 8OG A 19 0.04 -0.77 -1.67
C3' 8OG A 19 1.50 1.06 -1.54
O3' 8OG A 19 2.43 1.88 -2.26
C2' 8OG A 19 0.06 1.58 -1.67
C1' 8OG A 19 -0.83 0.34 -1.78
N9 8OG A 19 -1.93 0.37 -0.78
C8 8OG A 19 -3.26 0.62 -1.00
N7 8OG A 19 -3.98 0.74 0.05
C5 8OG A 19 -3.08 0.63 1.10
C6 8OG A 19 -3.27 0.75 2.52
O6 8OG A 19 -4.31 0.95 3.13
N1 8OG A 19 -2.09 0.62 3.23
C2 8OG A 19 -0.89 0.37 2.66
N2 8OG A 19 0.13 0.27 3.46
N3 8OG A 19 -0.68 0.25 1.35
C4 8OG A 19 -1.81 0.38 0.61
O8 8OG A 19 -3.76 0.75 -2.12
H5' 8OG A 19 3.22 -1.24 -2.50
H5'' 8OG A 19 1.95 -2.38 -2.09
H4' 8OG A 19 1.26 -0.24 -3.23
H3' 8OG A 19 1.77 0.98 -0.48
H2' 8OG A 19 -0.07 2.17 -2.58
H2'' 8OG A 19 -0.19 2.18 -0.80
H1' 8OG A 19 -1.28 0.34 -2.77
H7 8OG A 19 -4.96 1.03 0.06
H1 8OG A 19 -2.14 0.72 4.24
H21 8OG A 19 0.01 0.43 4.46
H22 8OG A 19 1.04 0.09 3.07
P 8OG A 19 3.62 -3.24 -0.36
OP1 8OG A 19 4.03 -3.92 -1.63
OP2 8OG A 19 4.68 -3.00 0.66
O5' 8OG A 19 2.91 -1.83 -0.73
C5' 8OG A 19 2.45 -1.54 -2.04
C4' 8OG A 19 1.61 -0.25 -2.17
O4' 8OG A 19 0.28 -0.52 -1.69
C3' 8OG A 19 2.09 0.96 -1.35
O3' 8OG A 19 2.92 1.88 -2.05
C2' 8OG A 19 0.78 1.69 -1.06
C1' 8OG A 19 -0.34 0.74 -1.52
N9 8OG A 19 -1.51 0.68 -0.59
C8 8OG A 19 -2.82 0.97 -0.87
N7 8OG A 19 -3.63 0.94 0.13
C5 8OG A 19 -2.79 0.71 1.21
C6 8OG A 19 -3.06 0.70 2.62
O6 8OG A 19 -4.13 0.85 3.20
N1 8OG A 19 -1.94 0.51 3.40
C2 8OG A 19 -0.70 0.29 2.88
N2 8OG A 19 0.29 0.19 3.72
N3 8OG A 19 -0.41 0.27 1.58
C4 8OG A 19 -1.49 0.50 0.79
O8 8OG A 19 -3.24 1.24 -2.00
H5' 8OG A 19 3.31 -1.43 -2.70
H5'' 8OG A 19 1.84 -2.37 -2.41
H4' 8OG A 19 1.55 0.03 -3.23
H3' 8OG A 19 2.54 0.62 -0.41
H2' 8OG A 19 0.70 2.62 -1.62
H2'' 8OG A 19 0.72 1.90 0.00
H1' 8OG A 19 -0.71 1.09 -2.49
H7 8OG A 19 -4.61 1.21 0.11
H1 8OG A 19 -2.03 0.58 4.40
H21 8OG A 19 0.12 0.34 4.71
H22 8OG A 19 1.22 0.05 3.36
P 8OG A 19 3.67 -2.85 -0.05
OP1 8OG A 19 4.35 -3.47 -1.23
OP2 8OG A 19 4.51 -2.40 1.08
O5' 8OG A 19 2.79 -1.58 -0.58
C5' 8OG A 19 2.29 -1.55 -1.90
C4' 8OG A 19 1.25 -0.45 -2.20
O4' 8OG A 19 -0.03 -0.86 -1.70
C3' 8OG A 19 1.47 0.94 -1.59
O3' 8OG A 19 2.40 1.74 -2.32
C2' 8OG A 19 0.04 1.49 -1.69
C1' 8OG A 19 -0.87 0.27 -1.80
N9 8OG A 19 -1.97 0.31 -0.80
C8 8OG A 19 -3.29 0.59 -1.01
N7 8OG A 19 -4.02 0.72 0.04
C5 8OG A 19 -3.10 0.58 1.09
C6 8OG A 19 -3.29 0.69 2.51
O6 8OG A 19 -4.32 0.90 3.13
N1 8OG A 19 -2.11 0.54 3.21
C2 8OG A 19 -0.92 0.28 2.64
N2 8OG A 19 0.11 0.16 3.44
N3 8OG A 19 -0.71 0.16 1.33
C4 8OG A 19 -1.84 0.32 0.59
O8 8OG A 19 -3.79 0.74 -2.13
H5' 8OG A 19 3.13 -1.40 -2.58
H5'' 8OG A 19 1.84 -2.52 -2.14
H4' 8OG A 19 1.18 -0.35 -3.29
H3' 8OG A 19 1.76 0.84 -0.54
H2' 8OG A 19 -0.08 2.09 -2.59
H2'' 8OG A 19 -0.18 2.08 -0.81
H1' 8OG A 19 -1.33 0.28 -2.80
H7 8OG A 19 -4.99 1.03 0.05
H1 8OG A 19 -2.16 0.64 4.22
H21 8OG A 19 -0.01 0.33 4.44
H22 8OG A 19 1.01 -0.03 3.04
#